data_8T84
# 
_entry.id   8T84 
# 
_audit_conform.dict_name       mmcif_pdbx.dic 
_audit_conform.dict_version    5.382 
_audit_conform.dict_location   http://mmcif.pdb.org/dictionaries/ascii/mmcif_pdbx.dic 
# 
loop_
_database_2.database_id 
_database_2.database_code 
_database_2.pdbx_database_accession 
_database_2.pdbx_DOI 
PDB   8T84         pdb_00008t84 10.2210/pdb8t84/pdb 
WWPDB D_1000275452 ?            ?                   
# 
_pdbx_database_status.status_code                     REL 
_pdbx_database_status.status_code_sf                  REL 
_pdbx_database_status.status_code_mr                  ? 
_pdbx_database_status.entry_id                        8T84 
_pdbx_database_status.recvd_initial_deposition_date   2023-06-21 
_pdbx_database_status.SG_entry                        N 
_pdbx_database_status.deposit_site                    RCSB 
_pdbx_database_status.process_site                    RCSB 
_pdbx_database_status.status_code_cs                  ? 
_pdbx_database_status.status_code_nmr_data            ? 
_pdbx_database_status.methods_development_category    ? 
_pdbx_database_status.pdb_format_compatible           N 
# 
loop_
_audit_author.name 
_audit_author.pdbx_ordinal 
_audit_author.identifier_ORCID 
'Sawaya, M.R.'   1 0000-0003-0874-9043 
'Raskatov, J.A.' 2 0000-0002-0082-9113 
'Hazari, A.'     3 0009-0005-2071-1322 
# 
_citation.abstract                  ? 
_citation.abstract_id_CAS           ? 
_citation.book_id_ISBN              ? 
_citation.book_publisher            ? 
_citation.book_publisher_city       ? 
_citation.book_title                ? 
_citation.coordinate_linkage        ? 
_citation.country                   US 
_citation.database_id_Medline       ? 
_citation.details                   ? 
_citation.id                        primary 
_citation.journal_abbrev            J.Am.Chem.Soc. 
_citation.journal_id_ASTM           JACSAT 
_citation.journal_id_CSD            ? 
_citation.journal_id_ISSN           1520-5126 
_citation.journal_full              ? 
_citation.journal_issue             ? 
_citation.journal_volume            145 
_citation.language                  ? 
_citation.page_first                25917 
_citation.page_last                 25926 
_citation.title                     
'Racemic Peptides from Amyloid beta and Amylin Form Rippled beta-Sheets Rather Than Pleated beta-Sheets.' 
_citation.year                      2023 
_citation.database_id_CSD           ? 
_citation.pdbx_database_id_DOI      10.1021/jacs.3c11712 
_citation.pdbx_database_id_PubMed   37972334 
_citation.pdbx_database_id_patent   ? 
_citation.unpublished_flag          ? 
# 
loop_
_citation_author.citation_id 
_citation_author.name 
_citation_author.ordinal 
_citation_author.identifier_ORCID 
primary 'Hazari, A.'     1 ? 
primary 'Sawaya, M.R.'   2 ? 
primary 'Sajimon, M.'    3 ? 
primary 'Vlahakis, N.'   4 ? 
primary 'Rodriguez, J.'  5 ? 
primary 'Eisenberg, D.'  6 ? 
primary 'Raskatov, J.A.' 7 ? 
# 
_cell.angle_alpha                  96.565 
_cell.angle_alpha_esd              ? 
_cell.angle_beta                   89.572 
_cell.angle_beta_esd               ? 
_cell.angle_gamma                  94.951 
_cell.angle_gamma_esd              ? 
_cell.entry_id                     8T84 
_cell.details                      ? 
_cell.formula_units_Z              ? 
_cell.length_a                     9.420 
_cell.length_a_esd                 ? 
_cell.length_b                     11.220 
_cell.length_b_esd                 ? 
_cell.length_c                     21.120 
_cell.length_c_esd                 ? 
_cell.volume                       ? 
_cell.volume_esd                   ? 
_cell.Z_PDB                        2 
_cell.reciprocal_angle_alpha       ? 
_cell.reciprocal_angle_beta        ? 
_cell.reciprocal_angle_gamma       ? 
_cell.reciprocal_angle_alpha_esd   ? 
_cell.reciprocal_angle_beta_esd    ? 
_cell.reciprocal_angle_gamma_esd   ? 
_cell.reciprocal_length_a          ? 
_cell.reciprocal_length_b          ? 
_cell.reciprocal_length_c          ? 
_cell.reciprocal_length_a_esd      ? 
_cell.reciprocal_length_b_esd      ? 
_cell.reciprocal_length_c_esd      ? 
_cell.pdbx_unique_axis             ? 
_cell.pdbx_esd_method              ? 
# 
_symmetry.entry_id                         8T84 
_symmetry.cell_setting                     ? 
_symmetry.Int_Tables_number                2 
_symmetry.space_group_name_Hall            ? 
_symmetry.space_group_name_H-M             'P -1' 
_symmetry.pdbx_full_space_group_name_H-M   ? 
# 
loop_
_entity.id 
_entity.type 
_entity.src_method 
_entity.pdbx_description 
_entity.formula_weight 
_entity.pdbx_number_of_molecules 
_entity.pdbx_ec 
_entity.pdbx_mutation 
_entity.pdbx_fragment 
_entity.details 
1 polymer     syn 'Racemic mixture of amyloid beta segment 35-MVGGVV-40' 560.707 1 ? ? ? ? 
2 non-polymer syn 1,1,1,3,3,3-hexafluoropropan-2-ol                      168.038 2 ? ? ? ? 
3 water       nat water                                                  18.015  2 ? ? ? ? 
# 
_entity_poly.entity_id                      1 
_entity_poly.type                           'polypeptide(L)' 
_entity_poly.nstd_linkage                   no 
_entity_poly.nstd_monomer                   no 
_entity_poly.pdbx_seq_one_letter_code       MVGGVV 
_entity_poly.pdbx_seq_one_letter_code_can   MVGGVV 
_entity_poly.pdbx_strand_id                 AAA 
_entity_poly.pdbx_target_identifier         ? 
# 
loop_
_entity_poly_seq.entity_id 
_entity_poly_seq.num 
_entity_poly_seq.mon_id 
_entity_poly_seq.hetero 
1 1 MET n 
1 2 VAL n 
1 3 GLY n 
1 4 GLY n 
1 5 VAL n 
1 6 VAL n 
# 
_pdbx_entity_src_syn.entity_id              1 
_pdbx_entity_src_syn.pdbx_src_id            1 
_pdbx_entity_src_syn.pdbx_alt_source_flag   sample 
_pdbx_entity_src_syn.pdbx_beg_seq_num       1 
_pdbx_entity_src_syn.pdbx_end_seq_num       6 
_pdbx_entity_src_syn.organism_scientific    'Homo sapiens' 
_pdbx_entity_src_syn.organism_common_name   human 
_pdbx_entity_src_syn.ncbi_taxonomy_id       9606 
_pdbx_entity_src_syn.details                ? 
# 
_struct_ref.id                         1 
_struct_ref.db_name                    PDB 
_struct_ref.db_code                    8T84 
_struct_ref.pdbx_db_accession          8T84 
_struct_ref.pdbx_db_isoform            ? 
_struct_ref.entity_id                  1 
_struct_ref.pdbx_seq_one_letter_code   ? 
_struct_ref.pdbx_align_begin           1 
# 
_struct_ref_seq.align_id                      1 
_struct_ref_seq.ref_id                        1 
_struct_ref_seq.pdbx_PDB_id_code              8T84 
_struct_ref_seq.pdbx_strand_id                AAA 
_struct_ref_seq.seq_align_beg                 1 
_struct_ref_seq.pdbx_seq_align_beg_ins_code   ? 
_struct_ref_seq.seq_align_end                 6 
_struct_ref_seq.pdbx_seq_align_end_ins_code   ? 
_struct_ref_seq.pdbx_db_accession             8T84 
_struct_ref_seq.db_align_beg                  35 
_struct_ref_seq.pdbx_db_align_beg_ins_code    ? 
_struct_ref_seq.db_align_end                  40 
_struct_ref_seq.pdbx_db_align_end_ins_code    ? 
_struct_ref_seq.pdbx_auth_seq_align_beg       35 
_struct_ref_seq.pdbx_auth_seq_align_end       40 
# 
loop_
_chem_comp.id 
_chem_comp.type 
_chem_comp.mon_nstd_flag 
_chem_comp.name 
_chem_comp.pdbx_synonyms 
_chem_comp.formula 
_chem_comp.formula_weight 
CFH non-polymer         . 1,1,1,3,3,3-hexafluoropropan-2-ol ? 'C3 H2 F6 O'    168.038 
GLY 'peptide linking'   y GLYCINE                           ? 'C2 H5 N O2'    75.067  
HOH non-polymer         . WATER                             ? 'H2 O'          18.015  
MET 'L-peptide linking' y METHIONINE                        ? 'C5 H11 N O2 S' 149.211 
VAL 'L-peptide linking' y VALINE                            ? 'C5 H11 N O2'   117.146 
# 
_exptl.absorpt_coefficient_mu     ? 
_exptl.absorpt_correction_T_max   ? 
_exptl.absorpt_correction_T_min   ? 
_exptl.absorpt_correction_type    ? 
_exptl.absorpt_process_details    ? 
_exptl.entry_id                   8T84 
_exptl.crystals_number            1 
_exptl.details                    ? 
_exptl.method                     'X-RAY DIFFRACTION' 
_exptl.method_details             ? 
# 
_exptl_crystal.colour                       ? 
_exptl_crystal.density_diffrn               ? 
_exptl_crystal.density_Matthews             1.97 
_exptl_crystal.density_method               ? 
_exptl_crystal.density_percent_sol          37.57 
_exptl_crystal.description                  ? 
_exptl_crystal.F_000                        ? 
_exptl_crystal.id                           1 
_exptl_crystal.preparation                  ? 
_exptl_crystal.size_max                     ? 
_exptl_crystal.size_mid                     ? 
_exptl_crystal.size_min                     ? 
_exptl_crystal.size_rad                     ? 
_exptl_crystal.colour_lustre                ? 
_exptl_crystal.colour_modifier              ? 
_exptl_crystal.colour_primary               ? 
_exptl_crystal.density_meas                 ? 
_exptl_crystal.density_meas_esd             ? 
_exptl_crystal.density_meas_gt              ? 
_exptl_crystal.density_meas_lt              ? 
_exptl_crystal.density_meas_temp            ? 
_exptl_crystal.density_meas_temp_esd        ? 
_exptl_crystal.density_meas_temp_gt         ? 
_exptl_crystal.density_meas_temp_lt         ? 
_exptl_crystal.pdbx_crystal_image_url       ? 
_exptl_crystal.pdbx_crystal_image_format    ? 
_exptl_crystal.pdbx_mosaicity               ? 
_exptl_crystal.pdbx_mosaicity_esd           ? 
_exptl_crystal.pdbx_mosaic_method           ? 
_exptl_crystal.pdbx_mosaic_block_size       ? 
_exptl_crystal.pdbx_mosaic_block_size_esd   ? 
# 
_exptl_crystal_grow.apparatus       ? 
_exptl_crystal_grow.atmosphere      ? 
_exptl_crystal_grow.crystal_id      1 
_exptl_crystal_grow.details         ? 
_exptl_crystal_grow.method          'BATCH MODE' 
_exptl_crystal_grow.method_ref      ? 
_exptl_crystal_grow.pH              ? 
_exptl_crystal_grow.pressure        ? 
_exptl_crystal_grow.pressure_esd    ? 
_exptl_crystal_grow.seeding         ? 
_exptl_crystal_grow.seeding_ref     ? 
_exptl_crystal_grow.temp_details    ? 
_exptl_crystal_grow.temp_esd        ? 
_exptl_crystal_grow.time            ? 
_exptl_crystal_grow.pdbx_details    'hexafluoroisopropanol, water' 
_exptl_crystal_grow.pdbx_pH_range   ? 
_exptl_crystal_grow.temp            298 
# 
_diffrn.ambient_environment              ? 
_diffrn.ambient_temp                     100 
_diffrn.ambient_temp_details             ? 
_diffrn.ambient_temp_esd                 ? 
_diffrn.crystal_id                       1 
_diffrn.crystal_support                  ? 
_diffrn.crystal_treatment                ? 
_diffrn.details                          ? 
_diffrn.id                               1 
_diffrn.ambient_pressure                 ? 
_diffrn.ambient_pressure_esd             ? 
_diffrn.ambient_pressure_gt              ? 
_diffrn.ambient_pressure_lt              ? 
_diffrn.ambient_temp_gt                  ? 
_diffrn.ambient_temp_lt                  ? 
_diffrn.pdbx_serial_crystal_experiment   N 
# 
_diffrn_detector.details                      ? 
_diffrn_detector.detector                     PIXEL 
_diffrn_detector.diffrn_id                    1 
_diffrn_detector.type                         'DECTRIS EIGER X 16M' 
_diffrn_detector.area_resol_mean              ? 
_diffrn_detector.dtime                        ? 
_diffrn_detector.pdbx_frames_total            ? 
_diffrn_detector.pdbx_collection_time_total   ? 
_diffrn_detector.pdbx_collection_date         2022-10-18 
_diffrn_detector.pdbx_frequency               ? 
_diffrn_detector.id                           ? 
_diffrn_detector.number_of_axes               ? 
# 
_diffrn_radiation.collimation                      ? 
_diffrn_radiation.diffrn_id                        1 
_diffrn_radiation.filter_edge                      ? 
_diffrn_radiation.inhomogeneity                    ? 
_diffrn_radiation.monochromator                    ? 
_diffrn_radiation.polarisn_norm                    ? 
_diffrn_radiation.polarisn_ratio                   ? 
_diffrn_radiation.probe                            ? 
_diffrn_radiation.type                             ? 
_diffrn_radiation.xray_symbol                      ? 
_diffrn_radiation.wavelength_id                    1 
_diffrn_radiation.pdbx_monochromatic_or_laue_m_l   M 
_diffrn_radiation.pdbx_wavelength_list             ? 
_diffrn_radiation.pdbx_wavelength                  ? 
_diffrn_radiation.pdbx_diffrn_protocol             'SINGLE WAVELENGTH' 
_diffrn_radiation.pdbx_analyzer                    ? 
_diffrn_radiation.pdbx_scattering_type             x-ray 
# 
_diffrn_radiation_wavelength.id           1 
_diffrn_radiation_wavelength.wavelength   0.979180 
_diffrn_radiation_wavelength.wt           1.0 
# 
_diffrn_source.current                     ? 
_diffrn_source.details                     ? 
_diffrn_source.diffrn_id                   1 
_diffrn_source.power                       ? 
_diffrn_source.size                        ? 
_diffrn_source.source                      SYNCHROTRON 
_diffrn_source.target                      ? 
_diffrn_source.type                        'APS BEAMLINE 24-ID-E' 
_diffrn_source.voltage                     ? 
_diffrn_source.take-off_angle              ? 
_diffrn_source.pdbx_wavelength_list        0.979180 
_diffrn_source.pdbx_wavelength             ? 
_diffrn_source.pdbx_synchrotron_beamline   24-ID-E 
_diffrn_source.pdbx_synchrotron_site       APS 
# 
_reflns.B_iso_Wilson_estimate                          ? 
_reflns.entry_id                                       8T84 
_reflns.data_reduction_details                         ? 
_reflns.data_reduction_method                          ? 
_reflns.d_resolution_high                              1.1 
_reflns.d_resolution_low                               20.981 
_reflns.details                                        ? 
_reflns.limit_h_max                                    ? 
_reflns.limit_h_min                                    ? 
_reflns.limit_k_max                                    ? 
_reflns.limit_k_min                                    ? 
_reflns.limit_l_max                                    ? 
_reflns.limit_l_min                                    ? 
_reflns.number_all                                     ? 
_reflns.number_obs                                     2980 
_reflns.observed_criterion                             ? 
_reflns.observed_criterion_F_max                       ? 
_reflns.observed_criterion_F_min                       ? 
_reflns.observed_criterion_I_max                       ? 
_reflns.observed_criterion_I_min                       ? 
_reflns.observed_criterion_sigma_F                     ? 
_reflns.observed_criterion_sigma_I                     ? 
_reflns.percent_possible_obs                           85.8 
_reflns.R_free_details                                 ? 
_reflns.Rmerge_F_all                                   ? 
_reflns.Rmerge_F_obs                                   ? 
_reflns.Friedel_coverage                               ? 
_reflns.number_gt                                      ? 
_reflns.threshold_expression                           ? 
_reflns.pdbx_redundancy                                6.5 
_reflns.pdbx_netI_over_av_sigmaI                       ? 
_reflns.pdbx_netI_over_sigmaI                          4.88 
_reflns.pdbx_res_netI_over_av_sigmaI_2                 ? 
_reflns.pdbx_res_netI_over_sigmaI_2                    ? 
_reflns.pdbx_chi_squared                               ? 
_reflns.pdbx_scaling_rejects                           ? 
_reflns.pdbx_d_res_high_opt                            ? 
_reflns.pdbx_d_res_low_opt                             ? 
_reflns.pdbx_d_res_opt_method                          ? 
_reflns.phase_calculation_details                      ? 
_reflns.pdbx_Rrim_I_all                                0.186 
_reflns.pdbx_Rpim_I_all                                ? 
_reflns.pdbx_d_opt                                     ? 
_reflns.pdbx_number_measured_all                       ? 
_reflns.pdbx_diffrn_id                                 1 
_reflns.pdbx_ordinal                                   1 
_reflns.pdbx_CC_half                                   0.995 
_reflns.pdbx_CC_star                                   ? 
_reflns.pdbx_R_split                                   ? 
_reflns.pdbx_Rmerge_I_obs                              0.174 
_reflns.pdbx_Rmerge_I_all                              ? 
_reflns.pdbx_Rsym_value                                ? 
_reflns.pdbx_CC_split_method                           ? 
_reflns.pdbx_aniso_diffraction_limit_axis_1_ortho[1]   ? 
_reflns.pdbx_aniso_diffraction_limit_axis_1_ortho[2]   ? 
_reflns.pdbx_aniso_diffraction_limit_axis_1_ortho[3]   ? 
_reflns.pdbx_aniso_diffraction_limit_axis_2_ortho[1]   ? 
_reflns.pdbx_aniso_diffraction_limit_axis_2_ortho[2]   ? 
_reflns.pdbx_aniso_diffraction_limit_axis_2_ortho[3]   ? 
_reflns.pdbx_aniso_diffraction_limit_axis_3_ortho[1]   ? 
_reflns.pdbx_aniso_diffraction_limit_axis_3_ortho[2]   ? 
_reflns.pdbx_aniso_diffraction_limit_axis_3_ortho[3]   ? 
_reflns.pdbx_aniso_diffraction_limit_1                 ? 
_reflns.pdbx_aniso_diffraction_limit_2                 ? 
_reflns.pdbx_aniso_diffraction_limit_3                 ? 
_reflns.pdbx_aniso_B_tensor_eigenvector_1_ortho[1]     ? 
_reflns.pdbx_aniso_B_tensor_eigenvector_1_ortho[2]     ? 
_reflns.pdbx_aniso_B_tensor_eigenvector_1_ortho[3]     ? 
_reflns.pdbx_aniso_B_tensor_eigenvector_2_ortho[1]     ? 
_reflns.pdbx_aniso_B_tensor_eigenvector_2_ortho[2]     ? 
_reflns.pdbx_aniso_B_tensor_eigenvector_2_ortho[3]     ? 
_reflns.pdbx_aniso_B_tensor_eigenvector_3_ortho[1]     ? 
_reflns.pdbx_aniso_B_tensor_eigenvector_3_ortho[2]     ? 
_reflns.pdbx_aniso_B_tensor_eigenvector_3_ortho[3]     ? 
_reflns.pdbx_aniso_B_tensor_eigenvalue_1               ? 
_reflns.pdbx_aniso_B_tensor_eigenvalue_2               ? 
_reflns.pdbx_aniso_B_tensor_eigenvalue_3               ? 
_reflns.pdbx_orthogonalization_convention              ? 
_reflns.pdbx_percent_possible_ellipsoidal              ? 
_reflns.pdbx_percent_possible_spherical                ? 
_reflns.pdbx_percent_possible_ellipsoidal_anomalous    ? 
_reflns.pdbx_percent_possible_spherical_anomalous      ? 
_reflns.pdbx_redundancy_anomalous                      ? 
_reflns.pdbx_CC_half_anomalous                         ? 
_reflns.pdbx_absDiff_over_sigma_anomalous              ? 
_reflns.pdbx_percent_possible_anomalous                ? 
_reflns.pdbx_observed_signal_threshold                 ? 
_reflns.pdbx_signal_type                               ? 
_reflns.pdbx_signal_details                            ? 
_reflns.pdbx_signal_software_id                        ? 
# 
loop_
_reflns_shell.d_res_high 
_reflns_shell.d_res_low 
_reflns_shell.meanI_over_sigI_all 
_reflns_shell.meanI_over_sigI_obs 
_reflns_shell.number_measured_all 
_reflns_shell.number_measured_obs 
_reflns_shell.number_possible 
_reflns_shell.number_unique_all 
_reflns_shell.number_unique_obs 
_reflns_shell.percent_possible_obs 
_reflns_shell.Rmerge_F_all 
_reflns_shell.Rmerge_F_obs 
_reflns_shell.meanI_over_sigI_gt 
_reflns_shell.meanI_over_uI_all 
_reflns_shell.meanI_over_uI_gt 
_reflns_shell.number_measured_gt 
_reflns_shell.number_unique_gt 
_reflns_shell.percent_possible_gt 
_reflns_shell.Rmerge_F_gt 
_reflns_shell.Rmerge_I_gt 
_reflns_shell.pdbx_redundancy 
_reflns_shell.pdbx_chi_squared 
_reflns_shell.pdbx_netI_over_sigmaI_all 
_reflns_shell.pdbx_netI_over_sigmaI_obs 
_reflns_shell.pdbx_Rrim_I_all 
_reflns_shell.pdbx_Rpim_I_all 
_reflns_shell.pdbx_rejects 
_reflns_shell.pdbx_ordinal 
_reflns_shell.pdbx_diffrn_id 
_reflns_shell.pdbx_CC_half 
_reflns_shell.pdbx_CC_star 
_reflns_shell.pdbx_R_split 
_reflns_shell.percent_possible_all 
_reflns_shell.Rmerge_I_all 
_reflns_shell.Rmerge_I_obs 
_reflns_shell.pdbx_Rsym_value 
_reflns_shell.pdbx_percent_possible_ellipsoidal 
_reflns_shell.pdbx_percent_possible_spherical 
_reflns_shell.pdbx_percent_possible_ellipsoidal_anomalous 
_reflns_shell.pdbx_percent_possible_spherical_anomalous 
_reflns_shell.pdbx_redundancy_anomalous 
_reflns_shell.pdbx_CC_half_anomalous 
_reflns_shell.pdbx_absDiff_over_sigma_anomalous 
_reflns_shell.pdbx_percent_possible_anomalous 
1.10 1.16   ? ? ? ? ? ? 224 ? ? ? ? ? ? ? ? ? ? ? ? ? ? ? 2.09  ? ? 1  1 0.627 ? ? ? ? 1.897 ? ? ? ? ? ? ? ? ? 
1.16 1.23   ? ? ? ? ? ? 357 ? ? ? ? ? ? ? ? ? ? ? ? ? ? ? 1.242 ? ? 2  1 0.889 ? ? ? ? 1.145 ? ? ? ? ? ? ? ? ? 
1.23 1.31   ? ? ? ? ? ? 397 ? ? ? ? ? ? ? ? ? ? ? ? ? ? ? 1.107 ? ? 3  1 0.878 ? ? ? ? 1.032 ? ? ? ? ? ? ? ? ? 
1.31 1.42   ? ? ? ? ? ? 424 ? ? ? ? ? ? ? ? ? ? ? ? ? ? ? 0.786 ? ? 4  1 0.945 ? ? ? ? 0.734 ? ? ? ? ? ? ? ? ? 
1.42 1.56   ? ? ? ? ? ? 385 ? ? ? ? ? ? ? ? ? ? ? ? ? ? ? 0.48  ? ? 5  1 0.931 ? ? ? ? 0.448 ? ? ? ? ? ? ? ? ? 
1.56 1.74   ? ? ? ? ? ? 326 ? ? ? ? ? ? ? ? ? ? ? ? ? ? ? 0.34  ? ? 6  1 0.989 ? ? ? ? 0.319 ? ? ? ? ? ? ? ? ? 
1.74 2.01   ? ? ? ? ? ? 298 ? ? ? ? ? ? ? ? ? ? ? ? ? ? ? 0.264 ? ? 7  1 0.974 ? ? ? ? 0.246 ? ? ? ? ? ? ? ? ? 
2.01 2.46   ? ? ? ? ? ? 258 ? ? ? ? ? ? ? ? ? ? ? ? ? ? ? 0.216 ? ? 8  1 0.99  ? ? ? ? 0.202 ? ? ? ? ? ? ? ? ? 
2.46 3.48   ? ? ? ? ? ? 203 ? ? ? ? ? ? ? ? ? ? ? ? ? ? ? 0.197 ? ? 9  1 0.918 ? ? ? ? 0.183 ? ? ? ? ? ? ? ? ? 
3.48 20.981 ? ? ? ? ? ? 108 ? ? ? ? ? ? ? ? ? ? ? ? ? ? ? 0.136 ? ? 10 1 0.998 ? ? ? ? 0.128 ? ? ? ? ? ? ? ? ? 
# 
_refine.aniso_B[1][1]                            -2.602 
_refine.aniso_B[1][2]                            0.529 
_refine.aniso_B[1][3]                            -0.520 
_refine.aniso_B[2][2]                            3.713 
_refine.aniso_B[2][3]                            0.969 
_refine.aniso_B[3][3]                            -1.442 
_refine.B_iso_max                                ? 
_refine.B_iso_mean                               21.652 
_refine.B_iso_min                                ? 
_refine.correlation_coeff_Fo_to_Fc               0.980 
_refine.correlation_coeff_Fo_to_Fc_free          0.985 
_refine.details                                  'Hydrogens have been added in their riding positions' 
_refine.diff_density_max                         ? 
_refine.diff_density_max_esd                     ? 
_refine.diff_density_min                         ? 
_refine.diff_density_min_esd                     ? 
_refine.diff_density_rms                         ? 
_refine.diff_density_rms_esd                     ? 
_refine.entry_id                                 8T84 
_refine.pdbx_refine_id                           'X-RAY DIFFRACTION' 
_refine.ls_abs_structure_details                 ? 
_refine.ls_abs_structure_Flack                   ? 
_refine.ls_abs_structure_Flack_esd               ? 
_refine.ls_abs_structure_Rogers                  ? 
_refine.ls_abs_structure_Rogers_esd              ? 
_refine.ls_d_res_high                            1.101 
_refine.ls_d_res_low                             20.981 
_refine.ls_extinction_coef                       ? 
_refine.ls_extinction_coef_esd                   ? 
_refine.ls_extinction_expression                 ? 
_refine.ls_extinction_method                     ? 
_refine.ls_goodness_of_fit_all                   ? 
_refine.ls_goodness_of_fit_all_esd               ? 
_refine.ls_goodness_of_fit_obs                   ? 
_refine.ls_goodness_of_fit_obs_esd               ? 
_refine.ls_hydrogen_treatment                    ? 
_refine.ls_matrix_type                           ? 
_refine.ls_number_constraints                    ? 
_refine.ls_number_parameters                     ? 
_refine.ls_number_reflns_all                     ? 
_refine.ls_number_reflns_obs                     2980 
_refine.ls_number_reflns_R_free                  298 
_refine.ls_number_reflns_R_work                  2682 
_refine.ls_number_restraints                     ? 
_refine.ls_percent_reflns_obs                    85.780 
_refine.ls_percent_reflns_R_free                 10.000 
_refine.ls_R_factor_all                          0.190 
_refine.ls_R_factor_obs                          ? 
_refine.ls_R_factor_R_free                       0.2038 
_refine.ls_R_factor_R_free_error                 ? 
_refine.ls_R_factor_R_free_error_details         ? 
_refine.ls_R_factor_R_work                       0.1889 
_refine.ls_R_Fsqd_factor_obs                     ? 
_refine.ls_R_I_factor_obs                        ? 
_refine.ls_redundancy_reflns_all                 ? 
_refine.ls_redundancy_reflns_obs                 ? 
_refine.ls_restrained_S_all                      ? 
_refine.ls_restrained_S_obs                      ? 
_refine.ls_shift_over_esd_max                    ? 
_refine.ls_shift_over_esd_mean                   ? 
_refine.ls_structure_factor_coef                 ? 
_refine.ls_weighting_details                     ? 
_refine.ls_weighting_scheme                      ? 
_refine.ls_wR_factor_all                         ? 
_refine.ls_wR_factor_obs                         ? 
_refine.ls_wR_factor_R_free                      0.258 
_refine.ls_wR_factor_R_work                      0.220 
_refine.occupancy_max                            ? 
_refine.occupancy_min                            ? 
_refine.solvent_model_details                    'MASK BULK SOLVENT' 
_refine.solvent_model_param_bsol                 ? 
_refine.solvent_model_param_ksol                 ? 
_refine.pdbx_R_complete                          ? 
_refine.ls_R_factor_gt                           ? 
_refine.ls_goodness_of_fit_gt                    ? 
_refine.ls_goodness_of_fit_ref                   ? 
_refine.ls_shift_over_su_max                     ? 
_refine.ls_shift_over_su_max_lt                  ? 
_refine.ls_shift_over_su_mean                    ? 
_refine.ls_shift_over_su_mean_lt                 ? 
_refine.pdbx_ls_sigma_I                          ? 
_refine.pdbx_ls_sigma_F                          ? 
_refine.pdbx_ls_sigma_Fsqd                       ? 
_refine.pdbx_data_cutoff_high_absF               ? 
_refine.pdbx_data_cutoff_high_rms_absF           ? 
_refine.pdbx_data_cutoff_low_absF                ? 
_refine.pdbx_isotropic_thermal_model             ? 
_refine.pdbx_ls_cross_valid_method               'FREE R-VALUE' 
_refine.pdbx_method_to_determine_struct          'AB INITIO PHASING' 
_refine.pdbx_starting_model                      ? 
_refine.pdbx_stereochemistry_target_values       ? 
_refine.pdbx_R_Free_selection_details            ? 
_refine.pdbx_stereochem_target_val_spec_case     ? 
_refine.pdbx_overall_ESU_R                       0.044 
_refine.pdbx_overall_ESU_R_Free                  0.041 
_refine.pdbx_solvent_vdw_probe_radii             1.200 
_refine.pdbx_solvent_ion_probe_radii             0.800 
_refine.pdbx_solvent_shrinkage_radii             0.800 
_refine.pdbx_real_space_R                        ? 
_refine.pdbx_density_correlation                 ? 
_refine.pdbx_pd_number_of_powder_patterns        ? 
_refine.pdbx_pd_number_of_points                 ? 
_refine.pdbx_pd_meas_number_of_points            ? 
_refine.pdbx_pd_proc_ls_prof_R_factor            ? 
_refine.pdbx_pd_proc_ls_prof_wR_factor           ? 
_refine.pdbx_pd_Marquardt_correlation_coeff      ? 
_refine.pdbx_pd_Fsqrd_R_factor                   ? 
_refine.pdbx_pd_ls_matrix_band_width             ? 
_refine.pdbx_overall_phase_error                 ? 
_refine.pdbx_overall_SU_R_free_Cruickshank_DPI   ? 
_refine.pdbx_overall_SU_R_free_Blow_DPI          ? 
_refine.pdbx_overall_SU_R_Blow_DPI               ? 
_refine.pdbx_TLS_residual_ADP_flag               ? 
_refine.pdbx_diffrn_id                           1 
_refine.overall_SU_B                             1.233 
_refine.overall_SU_ML                            0.027 
_refine.overall_SU_R_Cruickshank_DPI             ? 
_refine.overall_SU_R_free                        ? 
_refine.overall_FOM_free_R_set                   ? 
_refine.overall_FOM_work_R_set                   ? 
_refine.pdbx_average_fsc_overall                 ? 
_refine.pdbx_average_fsc_work                    0.9273 
_refine.pdbx_average_fsc_free                    0.8922 
# 
_refine_hist.pdbx_refine_id                   'X-RAY DIFFRACTION' 
_refine_hist.cycle_id                         LAST 
_refine_hist.details                          ? 
_refine_hist.d_res_high                       1.101 
_refine_hist.d_res_low                        20.981 
_refine_hist.number_atoms_solvent             2 
_refine_hist.number_atoms_total               60 
_refine_hist.number_reflns_all                ? 
_refine_hist.number_reflns_obs                ? 
_refine_hist.number_reflns_R_free             ? 
_refine_hist.number_reflns_R_work             ? 
_refine_hist.R_factor_all                     ? 
_refine_hist.R_factor_obs                     ? 
_refine_hist.R_factor_R_free                  ? 
_refine_hist.R_factor_R_work                  ? 
_refine_hist.pdbx_number_residues_total       ? 
_refine_hist.pdbx_B_iso_mean_ligand           ? 
_refine_hist.pdbx_B_iso_mean_solvent          ? 
_refine_hist.pdbx_number_atoms_protein        38 
_refine_hist.pdbx_number_atoms_nucleic_acid   0 
_refine_hist.pdbx_number_atoms_ligand         20 
_refine_hist.pdbx_number_atoms_lipid          ? 
_refine_hist.pdbx_number_atoms_carb           ? 
_refine_hist.pdbx_pseudo_atom_details         ? 
# 
loop_
_refine_ls_restr.pdbx_refine_id 
_refine_ls_restr.criterion 
_refine_ls_restr.dev_ideal 
_refine_ls_restr.dev_ideal_target 
_refine_ls_restr.number 
_refine_ls_restr.rejects 
_refine_ls_restr.type 
_refine_ls_restr.weight 
_refine_ls_restr.pdbx_restraint_function 
'X-RAY DIFFRACTION' ? 0.018  0.014  70  ? r_bond_refined_d               ? ? 
'X-RAY DIFFRACTION' ? 0.004  0.017  55  ? r_bond_other_d                 ? ? 
'X-RAY DIFFRACTION' ? 1.928  1.602  102 ? r_angle_refined_deg            ? ? 
'X-RAY DIFFRACTION' ? 1.424  1.640  130 ? r_angle_other_deg              ? ? 
'X-RAY DIFFRACTION' ? 5.671  5.000  6   ? r_dihedral_angle_1_deg         ? ? 
'X-RAY DIFFRACTION' ? 7.704  15.000 9   ? r_dihedral_angle_3_deg         ? ? 
'X-RAY DIFFRACTION' ? 0.140  0.200  5   ? r_chiral_restr                 ? ? 
'X-RAY DIFFRACTION' ? 0.010  0.020  47  ? r_gen_planes_refined           ? ? 
'X-RAY DIFFRACTION' ? 0.001  0.020  5   ? r_gen_planes_other             ? ? 
'X-RAY DIFFRACTION' ? 0.099  0.200  6   ? r_nbd_refined                  ? ? 
'X-RAY DIFFRACTION' ? 0.180  0.200  34  ? r_symmetry_nbd_other           ? ? 
'X-RAY DIFFRACTION' ? 0.127  0.200  28  ? r_nbtor_refined                ? ? 
'X-RAY DIFFRACTION' ? 0.126  0.200  21  ? r_symmetry_nbtor_other         ? ? 
'X-RAY DIFFRACTION' ? 0.050  0.200  1   ? r_xyhbond_nbd_refined          ? ? 
'X-RAY DIFFRACTION' ? 0.079  0.200  4   ? r_symmetry_nbd_refined         ? ? 
'X-RAY DIFFRACTION' ? 0.089  0.200  13  ? r_nbd_other                    ? ? 
'X-RAY DIFFRACTION' ? 0.237  0.200  6   ? r_symmetry_xyhbond_nbd_refined ? ? 
'X-RAY DIFFRACTION' ? 1.810  1.649  25  ? r_mcbond_it                    ? ? 
'X-RAY DIFFRACTION' ? 1.845  1.637  24  ? r_mcbond_other                 ? ? 
'X-RAY DIFFRACTION' ? 1.917  2.449  29  ? r_mcangle_it                   ? ? 
'X-RAY DIFFRACTION' ? 1.886  2.460  30  ? r_mcangle_other                ? ? 
'X-RAY DIFFRACTION' ? 5.289  2.496  45  ? r_scbond_it                    ? ? 
'X-RAY DIFFRACTION' ? 5.532  2.438  40  ? r_scbond_other                 ? ? 
'X-RAY DIFFRACTION' ? 6.302  3.719  72  ? r_scangle_it                   ? ? 
'X-RAY DIFFRACTION' ? 6.400  3.619  67  ? r_scangle_other                ? ? 
'X-RAY DIFFRACTION' ? 6.932  24.592 48  ? r_lrange_it                    ? ? 
'X-RAY DIFFRACTION' ? 7.365  22.982 42  ? r_lrange_other                 ? ? 
'X-RAY DIFFRACTION' ? 10.582 3.000  125 ? r_rigid_bond_restr             ? ? 
# 
loop_
_refine_ls_shell.pdbx_refine_id 
_refine_ls_shell.d_res_high 
_refine_ls_shell.d_res_low 
_refine_ls_shell.number_reflns_all 
_refine_ls_shell.number_reflns_obs 
_refine_ls_shell.number_reflns_R_free 
_refine_ls_shell.number_reflns_R_work 
_refine_ls_shell.percent_reflns_obs 
_refine_ls_shell.percent_reflns_R_free 
_refine_ls_shell.R_factor_all 
_refine_ls_shell.R_factor_obs 
_refine_ls_shell.R_factor_R_free_error 
_refine_ls_shell.R_factor_R_work 
_refine_ls_shell.redundancy_reflns_all 
_refine_ls_shell.redundancy_reflns_obs 
_refine_ls_shell.wR_factor_all 
_refine_ls_shell.wR_factor_obs 
_refine_ls_shell.wR_factor_R_free 
_refine_ls_shell.wR_factor_R_work 
_refine_ls_shell.pdbx_R_complete 
_refine_ls_shell.pdbx_total_number_of_bins_used 
_refine_ls_shell.pdbx_phase_error 
_refine_ls_shell.pdbx_fsc_work 
_refine_ls_shell.pdbx_fsc_free 
_refine_ls_shell.R_factor_R_free 
'X-RAY DIFFRACTION' 1.101 1.230  989 . 58 522 58.6451 . 0.382 . . 0.371 . . . . . 0.373 . 5 . 0.844 0.820 0.498 
'X-RAY DIFFRACTION' 1.230 1.419  867 . 81 737 94.3483 . 0.304 . . 0.304 . . . . . 0.303 . 5 . 0.897 0.816 0.308 
'X-RAY DIFFRACTION' 1.419 1.737  733 . 71 639 96.8622 . 0.207 . . 0.199 . . . . . 0.200 . 5 . 0.956 0.927 0.268 
'X-RAY DIFFRACTION' 1.737 2.447  567 . 56 499 97.8836 . 0.153 . . 0.150 . . . . . 0.179 . 5 . 0.989 0.978 0.193 
'X-RAY DIFFRACTION' 2.447 20.981 318 . 32 285 99.6855 . 0.168 . . 0.170 . . . . . 0.224 . 5 . 0.984 0.989 0.156 
# 
_struct.entry_id                     8T84 
_struct.title                        
'Racemic mixture of amyloid beta segment 35-MVGGVV-40 forms heterochiral rippled beta-sheet, includes hexafluoroisopropanol' 
_struct.pdbx_model_details           ? 
_struct.pdbx_formula_weight          ? 
_struct.pdbx_formula_weight_method   ? 
_struct.pdbx_model_type_details      ? 
_struct.pdbx_CASP_flag               N 
# 
_struct_keywords.entry_id        8T84 
_struct_keywords.text            'Rippled beta sheet, amyloid fibril, PROTEIN FIBRIL' 
_struct_keywords.pdbx_keywords   'PROTEIN FIBRIL' 
# 
loop_
_struct_asym.id 
_struct_asym.pdbx_blank_PDB_chainid_flag 
_struct_asym.pdbx_modified 
_struct_asym.entity_id 
_struct_asym.details 
A N N 1 ? 
B N N 2 ? 
C N N 2 ? 
D N N 3 ? 
# 
_atom_sites.entry_id                    8T84 
_atom_sites.Cartn_transf_matrix[1][1]   ? 
_atom_sites.Cartn_transf_matrix[1][2]   ? 
_atom_sites.Cartn_transf_matrix[1][3]   ? 
_atom_sites.Cartn_transf_matrix[2][1]   ? 
_atom_sites.Cartn_transf_matrix[2][2]   ? 
_atom_sites.Cartn_transf_matrix[2][3]   ? 
_atom_sites.Cartn_transf_matrix[3][1]   ? 
_atom_sites.Cartn_transf_matrix[3][2]   ? 
_atom_sites.Cartn_transf_matrix[3][3]   ? 
_atom_sites.Cartn_transf_vector[1]      ? 
_atom_sites.Cartn_transf_vector[2]      ? 
_atom_sites.Cartn_transf_vector[3]      ? 
_atom_sites.fract_transf_matrix[1][1]   -0.09788408 
_atom_sites.fract_transf_matrix[1][2]   -0.04195609 
_atom_sites.fract_transf_matrix[1][3]   -0.00351204 
_atom_sites.fract_transf_matrix[2][1]   -0.00917976 
_atom_sites.fract_transf_matrix[2][2]   0.00920410 
_atom_sites.fract_transf_matrix[2][3]   -0.08910502 
_atom_sites.fract_transf_matrix[3][1]   0.01844549 
_atom_sites.fract_transf_matrix[3][2]   -0.04234137 
_atom_sites.fract_transf_matrix[3][3]   -0.01177042 
_atom_sites.fract_transf_vector[1]      0.257025 
_atom_sites.fract_transf_vector[2]      0.033167 
_atom_sites.fract_transf_vector[3]      0.551921 
_atom_sites.solution_primary            ? 
_atom_sites.solution_secondary          ? 
_atom_sites.solution_hydrogens          ? 
_atom_sites.special_details             ? 
# 
loop_
_atom_type.symbol 
_atom_type.pdbx_scat_Z 
_atom_type.pdbx_N_electrons 
_atom_type.scat_Cromer_Mann_a1 
_atom_type.scat_Cromer_Mann_b1 
_atom_type.scat_Cromer_Mann_a2 
_atom_type.scat_Cromer_Mann_b2 
_atom_type.scat_Cromer_Mann_a3 
_atom_type.scat_Cromer_Mann_b3 
_atom_type.scat_Cromer_Mann_a4 
_atom_type.scat_Cromer_Mann_b4 
_atom_type.scat_Cromer_Mann_c 
C 6  6  2.310  20.844 1.020 10.208 1.589 0.569  0.865 51.651 0.216   
F 9  9  3.539  10.282 2.641 4.294  1.517 0.262  1.024 26.148 0.304   
H 1  1  0.493  10.511 0.323 26.126 0.140 3.142  0.041 57.800 0.003   
N 7  7  12.222 0.006  3.135 9.893  2.014 28.997 1.167 0.583  -11.538 
O 8  8  3.049  13.277 2.287 5.701  1.546 0.324  0.867 32.909 0.251   
S 16 16 6.905  1.468  5.203 22.215 1.438 0.254  1.586 56.172 1.049   
# 
loop_
_atom_site.group_PDB 
_atom_site.id 
_atom_site.type_symbol 
_atom_site.label_atom_id 
_atom_site.label_alt_id 
_atom_site.label_comp_id 
_atom_site.label_asym_id 
_atom_site.label_entity_id 
_atom_site.label_seq_id 
_atom_site.pdbx_PDB_ins_code 
_atom_site.Cartn_x 
_atom_site.Cartn_y 
_atom_site.Cartn_z 
_atom_site.occupancy 
_atom_site.B_iso_or_equiv 
_atom_site.pdbx_formal_charge 
_atom_site.auth_seq_id 
_atom_site.auth_comp_id 
_atom_site.auth_asym_id 
_atom_site.auth_atom_id 
_atom_site.pdbx_PDB_model_num 
_atom_site.calc_flag 
ATOM   1   N N    . MET A 1 1 ? 2.440  -7.855 -0.017 1.000 19.517 0 35  MET AAA N    1 ? 
ATOM   2   C CA   A MET A 1 1 ? 2.424  -6.473 -0.523 0.700 16.433 0 35  MET AAA CA   1 ? 
ATOM   3   C CA   B MET A 1 1 ? 2.317  -6.485 -0.591 0.300 21.727 0 35  MET AAA CA   1 ? 
ATOM   4   C C    . MET A 1 1 ? 1.614  -5.574 0.430  1.000 17.559 0 35  MET AAA C    1 ? 
ATOM   5   O O    . MET A 1 1 ? 0.581  -5.990 0.909  1.000 18.020 0 35  MET AAA O    1 ? 
ATOM   6   C CB   A MET A 1 1 ? 1.796  -6.487 -1.881 0.700 17.477 0 35  MET AAA CB   1 ? 
ATOM   7   C CB   B MET A 1 1 ? 1.473  -6.599 -1.855 0.300 32.683 0 35  MET AAA CB   1 ? 
ATOM   8   C CG   A MET A 1 1 ? 1.781  -5.140 -2.523 0.700 19.544 0 35  MET AAA CG   1 ? 
ATOM   9   C CG   B MET A 1 1 ? 1.321  -5.321 -2.626 0.300 67.070 0 35  MET AAA CG   1 ? 
ATOM   10  S SD   A MET A 1 1 ? 1.055  -5.290 -4.091 0.700 22.670 0 35  MET AAA SD   1 ? 
ATOM   11  S SD   B MET A 1 1 ? 2.783  -4.990 -3.618 0.300 36.528 0 35  MET AAA SD   1 ? 
ATOM   12  C CE   A MET A 1 1 ? 1.186  -3.593 -4.616 0.700 26.296 0 35  MET AAA CE   1 ? 
ATOM   13  C CE   B MET A 1 1 ? 2.286  -3.450 -4.386 0.300 43.643 0 35  MET AAA CE   1 ? 
ATOM   14  H H1   . MET A 1 1 ? 2.062  -7.877 0.813  1.000 20.305 0 35  MET AAA H1   1 c 
ATOM   15  H H2   . MET A 1 1 ? 3.358  -8.126 0.052  1.000 18.733 0 35  MET AAA H2   1 c 
ATOM   16  H H3   . MET A 1 1 ? 1.973  -8.465 -0.590 1.000 18.890 0 35  MET AAA H3   1 c 
ATOM   17  H HA   A MET A 1 1 ? 3.350  -6.142 -0.579 0.700 16.710 0 35  MET AAA HA   1 c 
ATOM   18  H HA   B MET A 1 1 ? 3.214  -6.133 -0.796 0.300 21.971 0 35  MET AAA HA   1 c 
ATOM   19  H HB2  A MET A 1 1 ? 2.288  -7.112 -2.451 0.700 17.514 0 35  MET AAA HB2  1 c 
ATOM   20  H HB2  B MET A 1 1 ? 1.882  -7.267 -2.443 0.300 31.341 0 35  MET AAA HB2  1 c 
ATOM   21  H HB3  A MET A 1 1 ? 0.877  -6.815 -1.800 0.700 17.790 0 35  MET AAA HB3  1 c 
ATOM   22  H HB3  B MET A 1 1 ? 0.583  -6.921 -1.609 0.300 33.057 0 35  MET AAA HB3  1 c 
ATOM   23  H HG2  A MET A 1 1 ? 1.267  -4.511 -1.974 0.700 19.693 0 35  MET AAA HG2  1 c 
ATOM   24  H HG2  B MET A 1 1 ? 0.539  -5.387 -3.217 0.300 49.971 0 35  MET AAA HG2  1 c 
ATOM   25  H HG3  A MET A 1 1 ? 2.699  -4.804 -2.610 0.700 20.093 0 35  MET AAA HG3  1 c 
ATOM   26  H HG3  B MET A 1 1 ? 1.175  -4.575 -2.006 0.300 45.879 0 35  MET AAA HG3  1 c 
ATOM   27  H HE1  A MET A 1 1 ? 0.793  -3.499 -5.492 0.700 25.733 0 35  MET AAA HE1  1 c 
ATOM   28  H HE1  B MET A 1 1 ? 2.992  -3.138 -4.966 0.300 50.183 0 35  MET AAA HE1  1 c 
ATOM   29  H HE2  A MET A 1 1 ? 0.719  -3.027 -3.992 0.700 26.296 0 35  MET AAA HE2  1 c 
ATOM   30  H HE2  B MET A 1 1 ? 1.485  -3.593 -4.903 0.300 47.513 0 35  MET AAA HE2  1 c 
ATOM   31  H HE3  A MET A 1 1 ? 2.116  -3.339 -4.651 0.700 26.140 0 35  MET AAA HE3  1 c 
ATOM   32  H HE3  B MET A 1 1 ? 2.116  -2.790 -3.702 0.300 50.772 0 35  MET AAA HE3  1 c 
ATOM   33  N N    . VAL A 1 2 ? 2.089  -4.367 0.656  1.000 16.837 0 36  VAL AAA N    1 ? 
ATOM   34  C CA   . VAL A 1 2 ? 1.379  -3.349 1.430  1.000 16.014 0 36  VAL AAA CA   1 ? 
ATOM   35  C C    . VAL A 1 2 ? 1.065  -2.174 0.514  1.000 15.103 0 36  VAL AAA C    1 ? 
ATOM   36  O O    . VAL A 1 2 ? 1.982  -1.537 0.007  1.000 15.755 0 36  VAL AAA O    1 ? 
ATOM   37  C CB   . VAL A 1 2 ? 2.205  -2.897 2.634  1.000 17.660 0 36  VAL AAA CB   1 ? 
ATOM   38  C CG1  . VAL A 1 2 ? 1.468  -1.817 3.418  1.000 18.631 0 36  VAL AAA CG1  1 ? 
ATOM   39  C CG2  . VAL A 1 2 ? 2.516  -4.087 3.549  1.000 20.173 0 36  VAL AAA CG2  1 ? 
ATOM   40  H H    . VAL A 1 2 ? 2.911  -4.093 0.336  1.000 16.627 0 36  VAL AAA H    1 c 
ATOM   41  H HA   . VAL A 1 2 ? 0.542  -3.728 1.753  1.000 16.017 0 36  VAL AAA HA   1 c 
ATOM   42  H HB   . VAL A 1 2 ? 3.059  -2.524 2.301  1.000 18.058 0 36  VAL AAA HB   1 c 
ATOM   43  H HG11 . VAL A 1 2 ? 1.332  -1.037 2.853  1.000 18.909 0 36  VAL AAA HG11 1 c 
ATOM   44  H HG12 . VAL A 1 2 ? 1.995  -1.564 4.195  1.000 18.184 0 36  VAL AAA HG12 1 c 
ATOM   45  H HG13 . VAL A 1 2 ? 0.605  -2.160 3.711  1.000 18.913 0 36  VAL AAA HG13 1 c 
ATOM   46  H HG21 . VAL A 1 2 ? 1.684  -4.487 3.854  1.000 19.768 0 36  VAL AAA HG21 1 c 
ATOM   47  H HG22 . VAL A 1 2 ? 3.030  -3.781 4.317  1.000 20.155 0 36  VAL AAA HG22 1 c 
ATOM   48  H HG23 . VAL A 1 2 ? 3.033  -4.749 3.058  1.000 19.835 0 36  VAL AAA HG23 1 c 
ATOM   49  N N    . GLY A 1 3 ? -0.213 -1.951 0.299  1.000 14.934 0 37  GLY AAA N    1 ? 
ATOM   50  C CA   . GLY A 1 3 ? -0.633 -0.875 -0.595 1.000 14.840 0 37  GLY AAA CA   1 ? 
ATOM   51  C C    . GLY A 1 3 ? -0.345 0.494  0.004  1.000 15.624 0 37  GLY AAA C    1 ? 
ATOM   52  O O    . GLY A 1 3 ? -0.426 0.699  1.225  1.000 15.773 0 37  GLY AAA O    1 ? 
ATOM   53  H H    . GLY A 1 3 ? -0.889 -2.446 0.689  1.000 14.953 0 37  GLY AAA H    1 c 
ATOM   54  H HA2  . GLY A 1 3 ? -0.153 -0.965 -1.457 1.000 15.106 0 37  GLY AAA HA2  1 c 
ATOM   55  H HA3  . GLY A 1 3 ? -1.602 -0.962 -0.771 1.000 14.912 0 37  GLY AAA HA3  1 c 
ATOM   56  N N    . GLY A 1 4 ? -0.128 1.482  -0.854 1.000 16.110 0 38  GLY AAA N    1 ? 
ATOM   57  C CA   . GLY A 1 4 ? 0.022  2.869  -0.415 1.000 16.261 0 38  GLY AAA CA   1 ? 
ATOM   58  C C    . GLY A 1 4 ? -1.305 3.495  -0.020 1.000 14.734 0 38  GLY AAA C    1 ? 
ATOM   59  O O    . GLY A 1 4 ? -2.390 2.959  -0.235 1.000 14.764 0 38  GLY AAA O    1 ? 
ATOM   60  H H    . GLY A 1 4 ? -0.061 1.343  -1.765 1.000 15.741 0 38  GLY AAA H    1 c 
ATOM   61  H HA2  . GLY A 1 4 ? 0.640  2.896  0.357  1.000 16.290 0 38  GLY AAA HA2  1 c 
ATOM   62  H HA3  . GLY A 1 4 ? 0.426  3.395  -1.150 1.000 16.184 0 38  GLY AAA HA3  1 c 
ATOM   63  N N    . VAL A 1 5 ? -1.161 4.659  0.605  1.000 14.507 0 39  VAL AAA N    1 ? 
ATOM   64  C CA   . VAL A 1 5 ? -2.294 5.461  1.078  1.000 15.609 0 39  VAL AAA CA   1 ? 
ATOM   65  C C    . VAL A 1 5 ? -2.144 6.900  0.590  1.000 15.410 0 39  VAL AAA C    1 ? 
ATOM   66  O O    . VAL A 1 5 ? -1.068 7.454  0.645  1.000 17.099 0 39  VAL AAA O    1 ? 
ATOM   67  C CB   . VAL A 1 5 ? -2.458 5.443  2.604  1.000 16.613 0 39  VAL AAA CB   1 ? 
ATOM   68  C CG1  . VAL A 1 5 ? -2.856 4.035  3.072  1.000 17.583 0 39  VAL AAA CG1  1 ? 
ATOM   69  C CG2  . VAL A 1 5 ? -1.190 5.853  3.307  1.000 17.961 0 39  VAL AAA CG2  1 ? 
ATOM   70  H H    . VAL A 1 5 ? -0.331 5.032  0.767  1.000 14.786 0 39  VAL AAA H    1 c 
ATOM   71  H HA   . VAL A 1 5 ? -3.105 5.094  0.685  1.000 15.433 0 39  VAL AAA HA   1 c 
ATOM   72  H HB   . VAL A 1 5 ? -3.175 6.081  2.847  1.000 16.603 0 39  VAL AAA HB   1 c 
ATOM   73  H HG11 . VAL A 1 5 ? -3.698 3.781  2.654  1.000 17.525 0 39  VAL AAA HG11 1 c 
ATOM   74  H HG12 . VAL A 1 5 ? -2.961 4.032  4.039  1.000 17.316 0 39  VAL AAA HG12 1 c 
ATOM   75  H HG13 . VAL A 1 5 ? -2.164 3.400  2.818  1.000 17.744 0 39  VAL AAA HG13 1 c 
ATOM   76  H HG21 . VAL A 1 5 ? -0.474 5.238  3.070  1.000 17.984 0 39  VAL AAA HG21 1 c 
ATOM   77  H HG22 . VAL A 1 5 ? -1.331 5.827  4.270  1.000 17.764 0 39  VAL AAA HG22 1 c 
ATOM   78  H HG23 . VAL A 1 5 ? -0.944 6.756  3.042  1.000 17.890 0 39  VAL AAA HG23 1 c 
ATOM   79  N N    . VAL A 1 6 ? -3.254 7.469  0.128  1.000 16.038 0 40  VAL AAA N    1 ? 
ATOM   80  C CA   . VAL A 1 6 ? -3.216 8.853  -0.383 1.000 17.993 0 40  VAL AAA CA   1 ? 
ATOM   81  C C    . VAL A 1 6 ? -4.025 9.794  0.526  1.000 18.960 0 40  VAL AAA C    1 ? 
ATOM   82  O O    . VAL A 1 6 ? -5.048 9.380  1.066  1.000 19.332 0 40  VAL AAA O    1 ? 
ATOM   83  C CB   . VAL A 1 6 ? -3.602 8.951  -1.859 1.000 21.682 0 40  VAL AAA CB   1 ? 
ATOM   84  C CG1  . VAL A 1 6 ? -2.755 8.082  -2.754 1.000 26.034 0 40  VAL AAA CG1  1 ? 
ATOM   85  C CG2  . VAL A 1 6 ? -5.063 8.668  -2.037 1.000 24.250 0 40  VAL AAA CG2  1 ? 
ATOM   86  O OXT  . VAL A 1 6 ? -3.617 11.001 0.581  1.000 18.569 0 40  VAL AAA OXT  1 ? 
ATOM   87  H H    . VAL A 1 6 ? -4.080 7.054  0.107  1.000 16.150 0 40  VAL AAA H    1 c 
ATOM   88  H HA   . VAL A 1 6 ? -2.290 9.148  -0.325 1.000 18.290 0 40  VAL AAA HA   1 c 
ATOM   89  H HB   . VAL A 1 6 ? -3.449 9.889  -2.134 1.000 22.148 0 40  VAL AAA HB   1 c 
ATOM   90  H HG11 . VAL A 1 6 ? -1.825 8.362  -2.691 1.000 26.103 0 40  VAL AAA HG11 1 c 
ATOM   91  H HG12 . VAL A 1 6 ? -3.058 8.169  -3.674 1.000 24.895 0 40  VAL AAA HG12 1 c 
ATOM   92  H HG13 . VAL A 1 6 ? -2.832 7.155  -2.472 1.000 25.468 0 40  VAL AAA HG13 1 c 
ATOM   93  H HG21 . VAL A 1 6 ? -5.260 7.768  -1.724 1.000 23.715 0 40  VAL AAA HG21 1 c 
ATOM   94  H HG22 . VAL A 1 6 ? -5.294 8.739  -2.979 1.000 23.712 0 40  VAL AAA HG22 1 c 
ATOM   95  H HG23 . VAL A 1 6 ? -5.587 9.309  -1.528 1.000 23.842 0 40  VAL AAA HG23 1 c 
HETATM 96  F F7   . CFH B 2 . ? -3.318 11.556 -7.451 1.000 23.017 0 101 CFH AAA F7   1 ? 
HETATM 97  C C1   . CFH B 2 . ? -4.017 11.731 -6.313 1.000 21.450 0 101 CFH AAA C1   1 ? 
HETATM 98  F F5   . CFH B 2 . ? -5.332 11.543 -6.557 1.000 23.189 0 101 CFH AAA F5   1 ? 
HETATM 99  F F6   . CFH B 2 . ? -3.629 10.784 -5.503 1.000 24.851 0 101 CFH AAA F6   1 ? 
HETATM 100 C C2   . CFH B 2 . ? -3.743 13.106 -5.802 1.000 19.672 0 101 CFH AAA C2   1 ? 
HETATM 101 O O4   . CFH B 2 . ? -4.079 14.054 -6.777 1.000 19.363 0 101 CFH AAA O4   1 ? 
HETATM 102 C C3   . CFH B 2 . ? -4.531 13.399 -4.550 1.000 20.346 0 101 CFH AAA C3   1 ? 
HETATM 103 F F10  . CFH B 2 . ? -4.408 12.416 -3.649 1.000 22.789 0 101 CFH AAA F10  1 ? 
HETATM 104 F F8   . CFH B 2 . ? -5.825 13.547 -4.825 1.000 21.524 0 101 CFH AAA F8   1 ? 
HETATM 105 F F9   . CFH B 2 . ? -4.173 14.558 -4.001 1.000 23.046 0 101 CFH AAA F9   1 ? 
HETATM 106 H H2   . CFH B 2 . ? -2.784 13.187 -5.601 1.000 19.957 0 101 CFH AAA H2   1 c 
HETATM 107 H HO4  . CFH B 2 . ? -4.639 14.613 -6.457 0.000 18.139 0 101 CFH AAA HO4  1 c 
HETATM 108 F F7   A CFH C 2 . ? 0.042  4.162  -5.181 0.500 34.682 0 102 CFH AAA F7   1 ? 
HETATM 109 F F7   B CFH C 2 . ? -0.328 4.457  -7.108 0.500 26.966 0 102 CFH AAA F7   1 ? 
HETATM 110 C C1   A CFH C 2 . ? -1.113 4.444  -4.589 0.500 28.516 0 102 CFH AAA C1   1 ? 
HETATM 111 C C1   B CFH C 2 . ? -0.660 4.515  -5.810 0.500 24.687 0 102 CFH AAA C1   1 ? 
HETATM 112 F F5   A CFH C 2 . ? -1.008 4.017  -3.337 0.500 27.426 0 102 CFH AAA F5   1 ? 
HETATM 113 F F5   B CFH C 2 . ? 0.348  3.970  -5.114 0.500 31.194 0 102 CFH AAA F5   1 ? 
HETATM 114 F F6   A CFH C 2 . ? -1.259 5.763  -4.525 0.500 33.834 0 102 CFH AAA F6   1 ? 
HETATM 115 F F6   B CFH C 2 . ? -0.741 5.803  -5.455 0.500 27.493 0 102 CFH AAA F6   1 ? 
HETATM 116 C C2   A CFH C 2 . ? -2.275 3.826  -5.326 0.500 24.560 0 102 CFH AAA C2   1 ? 
HETATM 117 C C2   B CFH C 2 . ? -1.959 3.813  -5.504 0.500 25.046 0 102 CFH AAA C2   1 ? 
HETATM 118 O O4   A CFH C 2 . ? -2.040 2.484  -5.423 0.500 26.189 0 102 CFH AAA O4   1 ? 
HETATM 119 O O4   B CFH C 2 . ? -1.736 2.464  -5.545 0.500 28.856 0 102 CFH AAA O4   1 ? 
HETATM 120 C C3   A CFH C 2 . ? -3.544 4.098  -4.567 0.500 23.896 0 102 CFH AAA C3   1 ? 
HETATM 121 C C3   B CFH C 2 . ? -2.510 4.117  -4.129 0.500 27.531 0 102 CFH AAA C3   1 ? 
HETATM 122 F F10  A CFH C 2 . ? -4.627 3.609  -5.150 0.500 30.006 0 102 CFH AAA F10  1 ? 
HETATM 123 F F10  B CFH C 2 . ? -3.406 3.206  -3.768 0.500 36.591 0 102 CFH AAA F10  1 ? 
HETATM 124 F F8   A CFH C 2 . ? -3.714 5.407  -4.438 0.500 27.250 0 102 CFH AAA F8   1 ? 
HETATM 125 F F8   B CFH C 2 . ? -3.110 5.294  -4.109 0.500 44.876 0 102 CFH AAA F8   1 ? 
HETATM 126 F F9   A CFH C 2 . ? -3.475 3.603  -3.336 0.500 25.471 0 102 CFH AAA F9   1 ? 
HETATM 127 F F9   B CFH C 2 . ? -1.584 4.139  -3.175 0.500 32.535 0 102 CFH AAA F9   1 ? 
HETATM 128 H H2   A CFH C 2 . ? -2.338 4.212  -6.229 0.500 25.987 0 102 CFH AAA H2   1 c 
HETATM 129 H H2   B CFH C 2 . ? -2.629 4.049  -6.185 0.500 26.705 0 102 CFH AAA H2   1 c 
HETATM 130 H HO4  A CFH C 2 . ? -2.672 2.004  -4.986 0.000 26.016 0 102 CFH AAA HO4  1 c 
HETATM 131 H HO4  B CFH C 2 . ? -2.004 2.047  -4.847 0.000 28.611 0 102 CFH AAA HO4  1 c 
HETATM 132 O O    . HOH D 3 . ? -1.798 -0.826 3.054  1.000 18.231 0 201 HOH AAA O    1 ? 
HETATM 133 O O    . HOH D 3 . ? -0.123 0.892  -3.669 1.000 34.588 0 202 HOH AAA O    1 ? 
# 
loop_
_atom_site_anisotrop.id 
_atom_site_anisotrop.type_symbol 
_atom_site_anisotrop.pdbx_label_atom_id 
_atom_site_anisotrop.pdbx_label_alt_id 
_atom_site_anisotrop.pdbx_label_comp_id 
_atom_site_anisotrop.pdbx_label_asym_id 
_atom_site_anisotrop.pdbx_label_seq_id 
_atom_site_anisotrop.pdbx_PDB_ins_code 
_atom_site_anisotrop.U[1][1] 
_atom_site_anisotrop.U[2][2] 
_atom_site_anisotrop.U[3][3] 
_atom_site_anisotrop.U[1][2] 
_atom_site_anisotrop.U[1][3] 
_atom_site_anisotrop.U[2][3] 
_atom_site_anisotrop.pdbx_auth_seq_id 
_atom_site_anisotrop.pdbx_auth_comp_id 
_atom_site_anisotrop.pdbx_auth_asym_id 
_atom_site_anisotrop.pdbx_auth_atom_id 
1   N N    . MET A 1 ? 0.3065 0.2734 0.1621 -0.0021 -0.0357 0.0072  35  MET AAA N    
2   C CA   A MET A 1 ? 0.2530 0.2774 0.0935 -0.0044 -0.0247 0.0175  35  MET AAA CA   
3   C CA   B MET A 1 ? 0.4817 0.3353 0.0090 0.0132  0.0135  0.0100  35  MET AAA CA   
4   C C    . MET A 1 ? 0.2693 0.2522 0.1455 -0.0066 -0.0401 -0.0034 35  MET AAA C    
5   O O    . MET A 1 ? 0.2699 0.2463 0.1688 -0.0027 -0.0231 -0.0054 35  MET AAA O    
6   C CB   A MET A 1 ? 0.3050 0.2802 0.0788 0.0378  -0.0283 0.0273  35  MET AAA CB   
7   C CB   B MET A 1 ? 0.7406 0.4738 0.0276 0.1625  0.0308  -0.0864 35  MET AAA CB   
8   C CG   A MET A 1 ? 0.3662 0.3194 0.0564 0.0450  -0.0195 0.0475  35  MET AAA CG   
9   C CG   B MET A 1 ? 1.3978 1.0727 0.0785 0.1965  0.3008  -0.0413 35  MET AAA CG   
10  S SD   A MET A 1 ? 0.4062 0.3471 0.1086 0.0002  -0.0604 0.0073  35  MET AAA SD   
11  S SD   B MET A 1 ? 0.4643 0.8285 0.0942 0.1079  -0.0335 -0.0806 35  MET AAA SD   
12  C CE   A MET A 1 ? 0.4623 0.3536 0.1831 0.0314  -0.0729 0.0824  35  MET AAA CE   
13  C CE   B MET A 1 ? 0.5163 0.6433 0.4995 0.0483  -0.0935 0.1068  35  MET AAA CE   
14  H H1   . MET A 1 ? 0.3147 0.2804 0.1759 0.0009  -0.0207 0.0034  35  MET AAA H1   
15  H H2   . MET A 1 ? 0.2994 0.2779 0.1347 0.0016  -0.0191 0.0070  35  MET AAA H2   
16  H H3   . MET A 1 ? 0.3115 0.2794 0.1272 0.0025  -0.0181 0.0031  35  MET AAA H3   
17  H HA   A MET A 1 ? 0.2492 0.2604 0.1254 -0.0035 -0.0248 0.0123  35  MET AAA HA   
18  H HA   B MET A 1 ? 0.4340 0.3137 0.0862 0.0249  -0.0189 -0.0190 35  MET AAA HA   
19  H HB2  A MET A 1 ? 0.2938 0.2686 0.1026 0.0310  -0.0197 0.0258  35  MET AAA HB2  
20  H HB2  B MET A 1 ? 0.6519 0.5148 0.0232 0.1468  0.0817  -0.0407 35  MET AAA HB2  
21  H HB3  A MET A 1 ? 0.2981 0.2772 0.1017 0.0229  -0.0215 0.0273  35  MET AAA HB3  
22  H HB3  B MET A 1 ? 0.7362 0.5089 0.0120 0.1166  0.0299  -0.0404 35  MET AAA HB3  
23  H HG2  A MET A 1 ? 0.3406 0.2962 0.1112 0.0347  -0.0207 0.0327  35  MET AAA HG2  
24  H HG2  B MET A 1 ? 1.0110 0.8419 0.0461 0.1303  0.1390  -0.1107 35  MET AAA HG2  
25  H HG3  A MET A 1 ? 0.3525 0.3031 0.1073 0.0304  -0.0233 0.0338  35  MET AAA HG3  
26  H HG3  B MET A 1 ? 0.9652 0.7307 0.0471 0.0841  0.0875  -0.1450 35  MET AAA HG3  
27  H HE1  A MET A 1 ? 0.4018 0.3584 0.2178 0.0202  -0.0943 0.0444  35  MET AAA HE1  
28  H HE1  B MET A 1 ? 0.5598 0.7060 0.6412 0.0845  -0.0454 0.0507  35  MET AAA HE1  
29  H HE2  A MET A 1 ? 0.4305 0.3537 0.2148 0.0174  -0.0716 0.0627  35  MET AAA HE2  
30  H HE2  B MET A 1 ? 0.5886 0.6934 0.5231 0.0540  -0.0231 0.0625  35  MET AAA HE2  
31  H HE3  A MET A 1 ? 0.4421 0.3502 0.2007 0.0168  -0.0643 0.0602  35  MET AAA HE3  
32  H HE3  B MET A 1 ? 0.5440 0.7289 0.6561 0.0750  -0.0247 0.0936  35  MET AAA HE3  
33  N N    . VAL A 2 ? 0.2440 0.2459 0.1491 0.0022  -0.0212 0.0153  36  VAL AAA N    
34  C CA   . VAL A 2 ? 0.2451 0.2550 0.1089 0.0154  -0.0236 0.0261  36  VAL AAA CA   
35  C C    . VAL A 2 ? 0.2332 0.2542 0.0856 0.0163  -0.0564 -0.0054 36  VAL AAA C    
36  O O    . VAL A 2 ? 0.2447 0.2343 0.1190 0.0076  -0.0340 0.0112  36  VAL AAA O    
37  C CB   . VAL A 2 ? 0.3020 0.2727 0.0964 0.0196  -0.0342 0.0310  36  VAL AAA CB   
38  C CG1  . VAL A 2 ? 0.3253 0.2843 0.0974 0.0097  -0.0495 0.0163  36  VAL AAA CG1  
39  C CG2  . VAL A 2 ? 0.3084 0.3010 0.1576 0.0203  -0.0196 0.0430  36  VAL AAA CG2  
40  H H    . VAL A 2 ? 0.2399 0.2450 0.1471 -0.0016 -0.0232 0.0119  36  VAL AAA H    
41  H HA   . VAL A 2 ? 0.2348 0.2458 0.1284 0.0060  -0.0285 0.0130  36  VAL AAA HA   
42  H HB   . VAL A 2 ? 0.2818 0.2693 0.1349 0.0125  -0.0354 0.0225  36  VAL AAA HB   
43  H HG11 . VAL A 2 ? 0.3007 0.2637 0.1537 0.0140  -0.0350 0.0193  36  VAL AAA HG11 
44  H HG12 . VAL A 2 ? 0.2799 0.2685 0.1416 -0.0037 -0.0462 0.0026  36  VAL AAA HG12 
45  H HG13 . VAL A 2 ? 0.3038 0.2756 0.1396 0.0103  -0.0463 0.0152  36  VAL AAA HG13 
46  H HG21 . VAL A 2 ? 0.2931 0.2887 0.1692 0.0160  -0.0258 0.0343  36  VAL AAA HG21 
47  H HG22 . VAL A 2 ? 0.2923 0.2891 0.1837 0.0149  -0.0187 0.0308  36  VAL AAA HG22 
48  H HG23 . VAL A 2 ? 0.2994 0.2848 0.1698 0.0158  -0.0238 0.0395  36  VAL AAA HG23 
49  N N    . GLY A 3 ? 0.2377 0.2364 0.0929 -0.0008 -0.0290 0.0046  37  GLY AAA N    
50  C CA   . GLY A 3 ? 0.2287 0.2448 0.0904 0.0123  -0.0271 0.0188  37  GLY AAA CA   
51  C C    . GLY A 3 ? 0.2525 0.2577 0.0837 0.0189  -0.0424 0.0012  37  GLY AAA C    
52  O O    . GLY A 3 ? 0.2722 0.2448 0.0820 0.0063  -0.0350 0.0016  37  GLY AAA O    
53  H H    . GLY A 3 ? 0.2185 0.2377 0.1119 0.0030  -0.0273 0.0063  37  GLY AAA H    
54  H HA2  . GLY A 3 ? 0.2221 0.2351 0.1169 0.0097  -0.0117 0.0081  37  GLY AAA HA2  
55  H HA3  . GLY A 3 ? 0.2221 0.2339 0.1110 0.0028  -0.0170 0.0115  37  GLY AAA HA3  
56  N N    . GLY A 4 ? 0.2651 0.2494 0.0975 0.0063  -0.0147 0.0024  38  GLY AAA N    
57  C CA   . GLY A 4 ? 0.2440 0.2376 0.1364 0.0034  -0.0177 0.0196  38  GLY AAA CA   
58  C C    . GLY A 4 ? 0.2371 0.2289 0.0931 0.0047  -0.0329 0.0208  38  GLY AAA C    
59  O O    . GLY A 4 ? 0.2475 0.2342 0.0792 0.0092  -0.0219 0.0191  38  GLY AAA O    
60  H H    . GLY A 4 ? 0.2480 0.2376 0.1124 0.0112  -0.0017 -0.0141 38  GLY AAA H    
61  H HA2  . GLY A 4 ? 0.2333 0.2345 0.1502 0.0005  -0.0177 0.0086  38  GLY AAA HA2  
62  H HA3  . GLY A 4 ? 0.2353 0.2326 0.1481 -0.0016 -0.0117 0.0133  38  GLY AAA HA3  
63  N N    . VAL A 5 ? 0.2342 0.2324 0.0844 0.0089  -0.0353 0.0107  39  VAL AAA N    
64  C CA   . VAL A 5 ? 0.2578 0.2438 0.0913 0.0075  -0.0316 0.0148  39  VAL AAA CA   
65  C C    . VAL A 5 ? 0.2533 0.2525 0.0793 0.0183  -0.0213 0.0079  39  VAL AAA C    
66  O O    . VAL A 5 ? 0.2304 0.2498 0.1699 0.0131  -0.0335 0.0333  39  VAL AAA O    
67  C CB   . VAL A 5 ? 0.2757 0.2605 0.0958 0.0099  -0.0216 0.0022  39  VAL AAA CB   
68  C CG1  . VAL A 5 ? 0.3198 0.2632 0.0850 0.0053  -0.0164 0.0039  39  VAL AAA CG1  
69  C CG2  . VAL A 5 ? 0.3085 0.2802 0.0943 0.0139  -0.0210 0.0124  39  VAL AAA CG2  
70  H H    . VAL A 5 ? 0.2257 0.2284 0.1069 0.0026  -0.0207 0.0165  39  VAL AAA H    
71  H HA   . VAL A 5 ? 0.2373 0.2389 0.1098 0.0050  -0.0168 0.0124  39  VAL AAA HA   
72  H HB   . VAL A 5 ? 0.2752 0.2468 0.1100 0.0100  -0.0182 0.0038  39  VAL AAA HB   
73  H HG11 . VAL A 5 ? 0.2872 0.2601 0.1187 0.0016  0.0020  0.0045  39  VAL AAA HG11 
74  H HG12 . VAL A 5 ? 0.2949 0.2624 0.1007 0.0041  0.0258  -0.0107 39  VAL AAA HG12 
75  H HG13 . VAL A 5 ? 0.3006 0.2604 0.1130 0.0019  -0.0048 0.0043  39  VAL AAA HG13 
76  H HG21 . VAL A 5 ? 0.2946 0.2707 0.1177 0.0057  -0.0110 0.0087  39  VAL AAA HG21 
77  H HG22 . VAL A 5 ? 0.2880 0.2742 0.1118 0.0088  0.0219  -0.0048 39  VAL AAA HG22 
78  H HG23 . VAL A 5 ? 0.2832 0.2747 0.1211 0.0122  -0.0092 0.0068  39  VAL AAA HG23 
79  N N    . VAL A 6 ? 0.2622 0.2452 0.1025 0.0057  -0.0322 0.0061  40  VAL AAA N    
80  C CA   . VAL A 6 ? 0.3103 0.2655 0.1082 0.0218  -0.0148 0.0217  40  VAL AAA CA   
81  C C    . VAL A 6 ? 0.3344 0.2630 0.1226 0.0124  -0.0005 0.0257  40  VAL AAA C    
82  O O    . VAL A 6 ? 0.3336 0.2530 0.1474 0.0085  -0.0298 0.0148  40  VAL AAA O    
83  C CB   . VAL A 6 ? 0.3748 0.3447 0.1045 0.0030  -0.0171 -0.0041 40  VAL AAA CB   
84  C CG1  . VAL A 6 ? 0.5084 0.3687 0.1130 0.0674  -0.0061 -0.0064 40  VAL AAA CG1  
85  C CG2  . VAL A 6 ? 0.3816 0.3907 0.1487 -0.0395 -0.0164 -0.0110 40  VAL AAA CG2  
86  O OXT  . VAL A 6 ? 0.3096 0.2650 0.1314 0.0101  -0.0177 -0.0045 40  VAL AAA OXT  
87  H H    . VAL A 6 ? 0.2494 0.2502 0.1144 0.0061  -0.0187 0.0109  40  VAL AAA H    
88  H HA   . VAL A 6 ? 0.3042 0.2660 0.1248 0.0098  -0.0104 0.0152  40  VAL AAA HA   
89  H HB   . VAL A 6 ? 0.3649 0.3370 0.1401 0.0149  -0.0138 0.0010  40  VAL AAA HB   
90  H HG11 . VAL A 6 ? 0.4823 0.3615 0.1482 0.0442  0.0000  0.0019  40  VAL AAA HG11 
91  H HG12 . VAL A 6 ? 0.4285 0.3713 0.1462 0.0400  -0.0422 -0.0243 40  VAL AAA HG12 
92  H HG13 . VAL A 6 ? 0.4398 0.3689 0.1593 0.0424  -0.0131 -0.0003 40  VAL AAA HG13 
93  H HG21 . VAL A 6 ? 0.3576 0.3759 0.1675 -0.0114 -0.0210 -0.0098 40  VAL AAA HG21 
94  H HG22 . VAL A 6 ? 0.3609 0.3768 0.1632 -0.0216 -0.0326 -0.0239 40  VAL AAA HG22 
95  H HG23 . VAL A 6 ? 0.3714 0.3612 0.1734 -0.0211 -0.0296 0.0036  40  VAL AAA HG23 
96  F F7   . CFH B . ? 0.4183 0.3006 0.1552 0.0374  -0.0572 0.0238  101 CFH AAA F7   
97  C C1   . CFH B . ? 0.3817 0.3012 0.1321 0.0286  -0.0339 0.0711  101 CFH AAA C1   
98  F F5   . CFH B . ? 0.3764 0.3099 0.1947 -0.0482 -0.0633 0.0136  101 CFH AAA F5   
99  F F6   . CFH B . ? 0.4770 0.3016 0.1663 0.0739  -0.0508 0.0625  101 CFH AAA F6   
100 C C2   . CFH B . ? 0.3322 0.2972 0.1186 -0.0062 -0.0302 0.0442  101 CFH AAA C2   
101 O O4   . CFH B . ? 0.3307 0.2800 0.1253 0.0029  -0.0530 0.0177  101 CFH AAA O4   
102 C C3   . CFH B . ? 0.3341 0.3296 0.1083 0.0062  -0.0479 0.0441  101 CFH AAA C3   
103 F F10  . CFH B . ? 0.3903 0.3603 0.1155 0.0128  -0.0322 0.0725  101 CFH AAA F10  
104 F F8   . CFH B . ? 0.3198 0.3674 0.1308 0.0104  -0.0144 0.0356  101 CFH AAA F8   
105 F F9   . CFH B . ? 0.3404 0.3525 0.1821 -0.0272 -0.0419 -0.0091 101 CFH AAA F9   
106 H H2   . CFH B . ? 0.3194 0.2953 0.1433 -0.0030 -0.0245 0.0446  101 CFH AAA H2   
107 H HO4  . CFH B . ? 0.2300 0.2300 0.2300 0.0000  0.0000  0.0000  101 CFH AAA HO4  
108 F F7   A CFH C . ? 0.4971 0.4384 0.3825 -0.0462 -0.0043 -0.0532 102 CFH AAA F7   
109 F F7   B CFH C . ? 0.5847 0.4026 0.0378 -0.0180 -0.0577 -0.0843 102 CFH AAA F7   
110 C C1   A CFH C . ? 0.4954 0.4475 0.1402 -0.0632 -0.0698 -0.0336 102 CFH AAA C1   
111 C C1   B CFH C . ? 0.5651 0.3358 0.0381 -0.0466 -0.0332 -0.0646 102 CFH AAA C1   
112 F F5   A CFH C . ? 0.4554 0.4696 0.1171 0.0034  -0.1016 -0.0502 102 CFH AAA F5   
113 F F5   B CFH C . ? 0.5538 0.4051 0.2271 -0.0144 -0.0780 -0.0623 102 CFH AAA F5   
114 F F6   A CFH C . ? 0.5331 0.4707 0.2813 0.0111  0.0043  -0.0297 102 CFH AAA F6   
115 F F6   B CFH C . ? 0.5926 0.2769 0.1755 -0.0655 -0.1228 -0.0081 102 CFH AAA F6   
116 C C2   A CFH C . ? 0.4726 0.3364 0.1240 -0.0683 -0.0150 -0.0472 102 CFH AAA C2   
117 C C2   B CFH C . ? 0.5595 0.3362 0.0562 -0.0430 -0.0640 0.0309  102 CFH AAA C2   
118 O O4   A CFH C . ? 0.5445 0.3607 0.0898 -0.0373 0.0166  -0.0276 102 CFH AAA O4   
119 O O4   B CFH C . ? 0.5274 0.3718 0.1968 0.0245  -0.0151 0.0240  102 CFH AAA O4   
120 C C3   A CFH C . ? 0.4913 0.3278 0.0889 -0.0515 -0.0128 -0.0150 102 CFH AAA C3   
121 C C3   B CFH C . ? 0.4979 0.4650 0.0832 0.0184  -0.0235 0.0992  102 CFH AAA C3   
122 F F10  A CFH C . ? 0.4508 0.4174 0.2718 -0.0040 -0.1035 -0.0389 102 CFH AAA F10  
123 F F10  B CFH C . ? 0.6087 0.4883 0.2929 -0.0201 0.1223  0.0731  102 CFH AAA F10  
124 F F8   A CFH C . ? 0.5623 0.3616 0.1121 0.0566  0.0662  -0.0611 102 CFH AAA F8   
125 F F8   B CFH C . ? 0.6905 0.4988 0.5157 0.0684  0.0097  -0.0015 102 CFH AAA F8   
126 F F9   A CFH C . ? 0.4940 0.3737 0.1003 -0.0372 0.0197  0.0231  102 CFH AAA F9   
127 F F9   B CFH C . ? 0.5005 0.5840 0.1514 -0.0112 -0.0749 0.1022  102 CFH AAA F9   
128 H H2   A CFH C . ? 0.4789 0.3480 0.1611 -0.0509 -0.0001 -0.0028 102 CFH AAA H2   
129 H H2   B CFH C . ? 0.4734 0.3724 0.1692 0.0020  -0.0647 0.0272  102 CFH AAA H2   
130 H HO4  A CFH C . ? 0.3290 0.3290 0.3290 0.0000  0.0000  0.0000  102 CFH AAA HO4  
131 H HO4  B CFH C . ? 0.3620 0.3620 0.3620 0.0000  0.0000  0.0000  102 CFH AAA HO4  
132 O O    . HOH D . ? 0.2805 0.2727 0.1398 0.0164  -0.0441 0.0047  201 HOH AAA O    
133 O O    . HOH D . ? 0.7202 0.4784 0.1154 0.1995  0.0022  0.0437  202 HOH AAA O    
# 
loop_
_pdbx_poly_seq_scheme.asym_id 
_pdbx_poly_seq_scheme.entity_id 
_pdbx_poly_seq_scheme.seq_id 
_pdbx_poly_seq_scheme.mon_id 
_pdbx_poly_seq_scheme.ndb_seq_num 
_pdbx_poly_seq_scheme.pdb_seq_num 
_pdbx_poly_seq_scheme.auth_seq_num 
_pdbx_poly_seq_scheme.pdb_mon_id 
_pdbx_poly_seq_scheme.auth_mon_id 
_pdbx_poly_seq_scheme.pdb_strand_id 
_pdbx_poly_seq_scheme.pdb_ins_code 
_pdbx_poly_seq_scheme.hetero 
A 1 1 MET 1 35 35 MET MET AAA . n 
A 1 2 VAL 2 36 36 VAL VAL AAA . n 
A 1 3 GLY 3 37 37 GLY GLY AAA . n 
A 1 4 GLY 4 38 38 GLY GLY AAA . n 
A 1 5 VAL 5 39 39 VAL VAL AAA . n 
A 1 6 VAL 6 40 40 VAL VAL AAA . n 
# 
_pdbx_contact_author.id                 2 
_pdbx_contact_author.email              jraskato@ucsc.edu 
_pdbx_contact_author.name_first         Jevgenij 
_pdbx_contact_author.name_last          Raskatov 
_pdbx_contact_author.name_mi            A 
_pdbx_contact_author.role               'principal investigator/group leader' 
_pdbx_contact_author.identifier_ORCID   0000-0002-0082-9113 
# 
loop_
_pdbx_nonpoly_scheme.asym_id 
_pdbx_nonpoly_scheme.entity_id 
_pdbx_nonpoly_scheme.mon_id 
_pdbx_nonpoly_scheme.ndb_seq_num 
_pdbx_nonpoly_scheme.pdb_seq_num 
_pdbx_nonpoly_scheme.auth_seq_num 
_pdbx_nonpoly_scheme.pdb_mon_id 
_pdbx_nonpoly_scheme.auth_mon_id 
_pdbx_nonpoly_scheme.pdb_strand_id 
_pdbx_nonpoly_scheme.pdb_ins_code 
B 2 CFH 1 101 101 CFH CFH AAA . 
C 2 CFH 1 102 102 CFH CFH AAA . 
D 3 HOH 1 201 103 HOH HOH AAA . 
D 3 HOH 2 202 104 HOH HOH AAA . 
# 
_pdbx_struct_assembly.id                   1 
_pdbx_struct_assembly.details              author_defined_assembly 
_pdbx_struct_assembly.method_details       ? 
_pdbx_struct_assembly.oligomeric_details   hexameric 
_pdbx_struct_assembly.oligomeric_count     6 
# 
loop_
_pdbx_struct_assembly_gen.assembly_id 
_pdbx_struct_assembly_gen.oper_expression 
_pdbx_struct_assembly_gen.asym_id_list 
1 1 A,B,C,D 
1 2 A,B,C,D 
1 3 A,B,C,D 
1 4 A,B,C,D 
1 5 A,B,C,D 
1 6 A,B,C,D 
# 
loop_
_pdbx_struct_oper_list.id 
_pdbx_struct_oper_list.type 
_pdbx_struct_oper_list.name 
_pdbx_struct_oper_list.symmetry_operation 
_pdbx_struct_oper_list.matrix[1][1] 
_pdbx_struct_oper_list.matrix[1][2] 
_pdbx_struct_oper_list.matrix[1][3] 
_pdbx_struct_oper_list.vector[1] 
_pdbx_struct_oper_list.matrix[2][1] 
_pdbx_struct_oper_list.matrix[2][2] 
_pdbx_struct_oper_list.matrix[2][3] 
_pdbx_struct_oper_list.vector[2] 
_pdbx_struct_oper_list.matrix[3][1] 
_pdbx_struct_oper_list.matrix[3][2] 
_pdbx_struct_oper_list.matrix[3][3] 
_pdbx_struct_oper_list.vector[3] 
1 'identity operation'         1_555 x,y,z        1.0000000000  0.0000000000 0.0000000000 0.0000000000  0.0000000000 1.0000000000  0.0000000000 0.0000000000  0.0000000000 0.0000000000 1.0000000000  0.0000000000  
2 'crystal symmetry operation' 1_655 x+1,y,z      1.0000000000  0.0000000000 0.0000000000 -8.5747400687 0.0000000000 1.0000000000  0.0000000000 -3.8699254986 0.0000000000 0.0000000000 1.0000000000  0.4836417986  
3 'crystal symmetry operation' 1_455 x-1,y,z      1.0000000000  0.0000000000 0.0000000000 8.5747400687  0.0000000000 1.0000000000  0.0000000000 3.8699254986  0.0000000000 0.0000000000 1.0000000000  -0.4836417986 
4 'crystal symmetry operation' 2_556 -x,-y,-z+1   -1.0000000000 0.0000000000 0.0000000000 3.5933022440  0.0000000000 -1.0000000000 0.0000000000 3.8046756190  0.0000000000 0.0000000000 -1.0000000000 0.7672206813  
5 'crystal symmetry operation' 2_456 -x-1,-y,-z+1 -1.0000000000 0.0000000000 0.0000000000 12.1680423127 0.0000000000 -1.0000000000 0.0000000000 7.6746011176  0.0000000000 0.0000000000 -1.0000000000 0.2835788827  
6 'crystal symmetry operation' 2_656 -x+1,-y,-z+1 -1.0000000000 0.0000000000 0.0000000000 -4.9814378247 0.0000000000 -1.0000000000 0.0000000000 -0.0652498796 0.0000000000 0.0000000000 -1.0000000000 1.2508624798 
# 
loop_
_pdbx_audit_revision_history.ordinal 
_pdbx_audit_revision_history.data_content_type 
_pdbx_audit_revision_history.major_revision 
_pdbx_audit_revision_history.minor_revision 
_pdbx_audit_revision_history.revision_date 
1 'Structure model' 1 0 2023-11-29 
2 'Structure model' 1 1 2023-12-13 
# 
_pdbx_audit_revision_details.ordinal             1 
_pdbx_audit_revision_details.revision_ordinal    1 
_pdbx_audit_revision_details.data_content_type   'Structure model' 
_pdbx_audit_revision_details.provider            repository 
_pdbx_audit_revision_details.type                'Initial release' 
_pdbx_audit_revision_details.description         ? 
_pdbx_audit_revision_details.details             ? 
# 
_pdbx_audit_revision_group.ordinal             1 
_pdbx_audit_revision_group.revision_ordinal    2 
_pdbx_audit_revision_group.data_content_type   'Structure model' 
_pdbx_audit_revision_group.group               'Database references' 
# 
loop_
_pdbx_audit_revision_category.ordinal 
_pdbx_audit_revision_category.revision_ordinal 
_pdbx_audit_revision_category.data_content_type 
_pdbx_audit_revision_category.category 
1 2 'Structure model' citation        
2 2 'Structure model' citation_author 
# 
loop_
_pdbx_audit_revision_item.ordinal 
_pdbx_audit_revision_item.revision_ordinal 
_pdbx_audit_revision_item.data_content_type 
_pdbx_audit_revision_item.item 
1 2 'Structure model' '_citation.journal_volume'          
2 2 'Structure model' '_citation.page_first'              
3 2 'Structure model' '_citation.page_last'               
4 2 'Structure model' '_citation_author.identifier_ORCID' 
# 
loop_
_software.citation_id 
_software.classification 
_software.compiler_name 
_software.compiler_version 
_software.contact_author 
_software.contact_author_email 
_software.date 
_software.description 
_software.dependencies 
_software.hardware 
_software.language 
_software.location 
_software.mods 
_software.name 
_software.os 
_software.os_version 
_software.type 
_software.version 
_software.pdbx_ordinal 
? refinement       ? ? ? ? ? ? ? ? ? ? ? REFMAC ? ? ? 5.8.0267 1 
? 'data scaling'   ? ? ? ? ? ? ? ? ? ? ? XSCALE ? ? ? 20220110 2 
? 'data reduction' ? ? ? ? ? ? ? ? ? ? ? XDS    ? ? ? 20220820 3 
? phasing          ? ? ? ? ? ? ? ? ? ? ? SHELXD ? ? ? .        4 
# 
_pdbx_entry_details.entry_id                 8T84 
_pdbx_entry_details.has_ligand_of_interest   N 
_pdbx_entry_details.compound_details         ? 
_pdbx_entry_details.source_details           ? 
_pdbx_entry_details.nonpolymer_details       ? 
_pdbx_entry_details.sequence_details         ? 
# 
loop_
_chem_comp_atom.comp_id 
_chem_comp_atom.atom_id 
_chem_comp_atom.type_symbol 
_chem_comp_atom.pdbx_aromatic_flag 
_chem_comp_atom.pdbx_stereo_config 
_chem_comp_atom.pdbx_ordinal 
CFH F7   F N N 1  
CFH C1   C N N 2  
CFH F5   F N N 3  
CFH F6   F N N 4  
CFH C2   C N N 5  
CFH O4   O N N 6  
CFH C3   C N N 7  
CFH F10  F N N 8  
CFH F8   F N N 9  
CFH F9   F N N 10 
CFH H2   H N N 11 
CFH HO4  H N N 12 
GLY N    N N N 13 
GLY CA   C N N 14 
GLY C    C N N 15 
GLY O    O N N 16 
GLY OXT  O N N 17 
GLY H    H N N 18 
GLY H2   H N N 19 
GLY HA2  H N N 20 
GLY HA3  H N N 21 
GLY HXT  H N N 22 
HOH O    O N N 23 
HOH H1   H N N 24 
HOH H2   H N N 25 
MET N    N N N 26 
MET CA   C N S 27 
MET C    C N N 28 
MET O    O N N 29 
MET CB   C N N 30 
MET CG   C N N 31 
MET SD   S N N 32 
MET CE   C N N 33 
MET OXT  O N N 34 
MET H    H N N 35 
MET H2   H N N 36 
MET HA   H N N 37 
MET HB2  H N N 38 
MET HB3  H N N 39 
MET HG2  H N N 40 
MET HG3  H N N 41 
MET HE1  H N N 42 
MET HE2  H N N 43 
MET HE3  H N N 44 
MET HXT  H N N 45 
VAL N    N N N 46 
VAL CA   C N S 47 
VAL C    C N N 48 
VAL O    O N N 49 
VAL CB   C N N 50 
VAL CG1  C N N 51 
VAL CG2  C N N 52 
VAL OXT  O N N 53 
VAL H    H N N 54 
VAL H2   H N N 55 
VAL HA   H N N 56 
VAL HB   H N N 57 
VAL HG11 H N N 58 
VAL HG12 H N N 59 
VAL HG13 H N N 60 
VAL HG21 H N N 61 
VAL HG22 H N N 62 
VAL HG23 H N N 63 
VAL HXT  H N N 64 
# 
loop_
_chem_comp_bond.comp_id 
_chem_comp_bond.atom_id_1 
_chem_comp_bond.atom_id_2 
_chem_comp_bond.value_order 
_chem_comp_bond.pdbx_aromatic_flag 
_chem_comp_bond.pdbx_stereo_config 
_chem_comp_bond.pdbx_ordinal 
CFH F7  C1   sing N N 1  
CFH C1  F5   sing N N 2  
CFH C1  F6   sing N N 3  
CFH C1  C2   sing N N 4  
CFH C2  O4   sing N N 5  
CFH C2  C3   sing N N 6  
CFH C3  F10  sing N N 7  
CFH C3  F8   sing N N 8  
CFH C3  F9   sing N N 9  
CFH C2  H2   sing N N 10 
CFH O4  HO4  sing N N 11 
GLY N   CA   sing N N 12 
GLY N   H    sing N N 13 
GLY N   H2   sing N N 14 
GLY CA  C    sing N N 15 
GLY CA  HA2  sing N N 16 
GLY CA  HA3  sing N N 17 
GLY C   O    doub N N 18 
GLY C   OXT  sing N N 19 
GLY OXT HXT  sing N N 20 
HOH O   H1   sing N N 21 
HOH O   H2   sing N N 22 
MET N   CA   sing N N 23 
MET N   H    sing N N 24 
MET N   H2   sing N N 25 
MET CA  C    sing N N 26 
MET CA  CB   sing N N 27 
MET CA  HA   sing N N 28 
MET C   O    doub N N 29 
MET C   OXT  sing N N 30 
MET CB  CG   sing N N 31 
MET CB  HB2  sing N N 32 
MET CB  HB3  sing N N 33 
MET CG  SD   sing N N 34 
MET CG  HG2  sing N N 35 
MET CG  HG3  sing N N 36 
MET SD  CE   sing N N 37 
MET CE  HE1  sing N N 38 
MET CE  HE2  sing N N 39 
MET CE  HE3  sing N N 40 
MET OXT HXT  sing N N 41 
VAL N   CA   sing N N 42 
VAL N   H    sing N N 43 
VAL N   H2   sing N N 44 
VAL CA  C    sing N N 45 
VAL CA  CB   sing N N 46 
VAL CA  HA   sing N N 47 
VAL C   O    doub N N 48 
VAL C   OXT  sing N N 49 
VAL CB  CG1  sing N N 50 
VAL CB  CG2  sing N N 51 
VAL CB  HB   sing N N 52 
VAL CG1 HG11 sing N N 53 
VAL CG1 HG12 sing N N 54 
VAL CG1 HG13 sing N N 55 
VAL CG2 HG21 sing N N 56 
VAL CG2 HG22 sing N N 57 
VAL CG2 HG23 sing N N 58 
VAL OXT HXT  sing N N 59 
# 
_pdbx_audit_support.funding_organization   'National Institutes of Health/National Institute on Aging (NIH/NIA)' 
_pdbx_audit_support.country                'United States' 
_pdbx_audit_support.grant_number           AG074954 
_pdbx_audit_support.ordinal                1 
# 
loop_
_pdbx_entity_nonpoly.entity_id 
_pdbx_entity_nonpoly.name 
_pdbx_entity_nonpoly.comp_id 
2 1,1,1,3,3,3-hexafluoropropan-2-ol CFH 
3 water                             HOH 
# 
